data_9L1H
#
_entry.id   9L1H
#
_cell.length_a   44.877
_cell.length_b   93.732
_cell.length_c   113.901
_cell.angle_alpha   90.000
_cell.angle_beta   90.000
_cell.angle_gamma   90.000
#
_symmetry.space_group_name_H-M   'P 21 21 21'
#
loop_
_entity.id
_entity.type
_entity.pdbx_description
1 polymer "2,5-diamino-6-ribosylamino-4(3H)-pyrimidinone 5'-phosphate reductase"
2 water water
#
_entity_poly.entity_id   1
_entity_poly.type   'polypeptide(L)'
_entity_poly.pdbx_seq_one_letter_code
;MSFVPFLEPFIPHENTLLPELPFVTLTYAQSLDSRIAAKKGERTVISHQETKNMTQYLRSKHDAILVGVKTVLADDPGLN
CKLGTPIRPIILDPTFQLLSKIASLKLIKLGLSGEGEPPVFITRKGVVSPDLQANLRSDYGISIVEIADRDVHRGKMSWF
AILKILKDAEIHSVMVEGGATIINDLLICRQNSVPLVASLIITVGPVYLGKDGVEVTPARSVKLGNVRWWHGIQDAVVAA
SLELEHHHHHH
;
_entity_poly.pdbx_strand_id   A,B
#
# COMPACT_ATOMS: atom_id res chain seq x y z
N SER A 2 -4.71 22.83 -3.56
CA SER A 2 -5.62 22.21 -4.51
C SER A 2 -4.92 21.08 -5.26
N PHE A 3 -5.68 20.05 -5.60
CA PHE A 3 -5.13 19.03 -6.47
C PHE A 3 -5.11 19.48 -7.94
N VAL A 4 -5.65 20.64 -8.26
CA VAL A 4 -5.78 21.05 -9.66
C VAL A 4 -4.42 21.28 -10.31
N PRO A 5 -3.54 22.16 -9.78
CA PRO A 5 -2.21 22.26 -10.42
C PRO A 5 -1.42 20.98 -10.30
N PHE A 6 -1.62 20.23 -9.22
CA PHE A 6 -0.95 18.93 -9.05
C PHE A 6 -1.23 17.98 -10.22
N LEU A 7 -2.50 17.92 -10.66
CA LEU A 7 -2.87 16.96 -11.70
C LEU A 7 -2.60 17.45 -13.11
N GLU A 8 -2.20 18.72 -13.28
CA GLU A 8 -2.17 19.37 -14.59
C GLU A 8 -1.34 18.63 -15.64
N PRO A 9 -0.14 18.13 -15.35
CA PRO A 9 0.57 17.35 -16.38
C PRO A 9 -0.01 15.96 -16.62
N PHE A 10 -1.00 15.52 -15.82
CA PHE A 10 -1.47 14.16 -15.90
C PHE A 10 -2.86 14.00 -16.52
N ILE A 11 -3.63 15.08 -16.61
CA ILE A 11 -4.94 15.06 -17.23
C ILE A 11 -4.71 14.83 -18.73
N PRO A 12 -5.72 14.38 -19.48
CA PRO A 12 -5.49 13.99 -20.87
C PRO A 12 -4.87 15.09 -21.71
N HIS A 13 -3.88 14.70 -22.51
CA HIS A 13 -3.18 15.58 -23.42
C HIS A 13 -2.78 14.75 -24.63
N GLU A 14 -2.28 15.41 -25.65
CA GLU A 14 -2.06 14.74 -26.93
C GLU A 14 -0.62 14.27 -27.12
N ASN A 15 0.18 14.22 -26.05
CA ASN A 15 1.54 13.70 -26.10
C ASN A 15 1.50 12.18 -25.93
N THR A 16 0.90 11.51 -26.90
CA THR A 16 0.58 10.09 -26.78
C THR A 16 1.44 9.26 -27.73
N LEU A 17 2.01 8.18 -27.21
CA LEU A 17 2.81 7.26 -28.00
C LEU A 17 2.00 6.21 -28.73
N LEU A 18 0.70 6.09 -28.44
CA LEU A 18 -0.17 5.10 -29.07
C LEU A 18 -1.41 5.83 -29.60
N PRO A 19 -1.30 6.50 -30.75
CA PRO A 19 -2.42 7.31 -31.25
C PRO A 19 -3.66 6.51 -31.60
N GLU A 20 -3.55 5.20 -31.86
CA GLU A 20 -4.75 4.39 -32.06
C GLU A 20 -5.62 4.33 -30.80
N LEU A 21 -5.07 4.63 -29.62
CA LEU A 21 -5.78 4.42 -28.37
C LEU A 21 -6.20 5.75 -27.75
N PRO A 22 -7.27 5.78 -26.96
CA PRO A 22 -7.56 6.97 -26.15
C PRO A 22 -6.47 7.18 -25.11
N PHE A 23 -6.49 8.36 -24.52
CA PHE A 23 -5.65 8.64 -23.36
C PHE A 23 -6.20 7.86 -22.17
N VAL A 24 -5.42 6.94 -21.63
CA VAL A 24 -5.91 6.07 -20.56
C VAL A 24 -5.36 6.55 -19.23
N THR A 25 -6.26 6.76 -18.28
CA THR A 25 -5.92 7.05 -16.89
C THR A 25 -6.37 5.87 -16.04
N LEU A 26 -5.44 5.26 -15.30
CA LEU A 26 -5.76 4.19 -14.37
C LEU A 26 -5.79 4.78 -12.97
N THR A 27 -6.90 4.56 -12.26
CA THR A 27 -7.02 5.22 -10.97
C THR A 27 -7.77 4.33 -10.00
N TYR A 28 -7.40 4.42 -8.73
CA TYR A 28 -8.11 3.68 -7.71
C TYR A 28 -7.71 4.24 -6.34
N ALA A 29 -8.45 3.78 -5.33
CA ALA A 29 -8.24 4.19 -3.95
C ALA A 29 -7.83 2.95 -3.18
N GLN A 30 -6.73 3.04 -2.45
CA GLN A 30 -6.21 1.87 -1.79
C GLN A 30 -5.98 2.14 -0.31
N SER A 31 -6.06 1.08 0.47
CA SER A 31 -5.55 1.12 1.83
C SER A 31 -4.02 1.14 1.81
N LEU A 32 -3.43 1.42 2.98
CA LEU A 32 -1.97 1.30 3.11
C LEU A 32 -1.49 -0.10 2.75
N ASP A 33 -2.26 -1.13 3.09
CA ASP A 33 -1.82 -2.48 2.73
C ASP A 33 -2.32 -2.90 1.35
N SER A 34 -2.63 -1.91 0.50
CA SER A 34 -2.90 -2.14 -0.91
C SER A 34 -4.12 -3.04 -1.11
N ARG A 35 -5.17 -2.76 -0.37
CA ARG A 35 -6.48 -3.34 -0.62
C ARG A 35 -7.41 -2.26 -1.16
N ILE A 36 -8.28 -2.62 -2.09
CA ILE A 36 -9.24 -1.69 -2.65
C ILE A 36 -10.66 -1.95 -2.17
N ALA A 37 -10.88 -2.93 -1.29
CA ALA A 37 -12.17 -3.16 -0.67
C ALA A 37 -11.99 -3.97 0.61
N ALA A 38 -12.79 -3.67 1.63
CA ALA A 38 -12.70 -4.42 2.87
C ALA A 38 -13.10 -5.88 2.65
N LYS A 39 -12.87 -6.70 3.67
CA LYS A 39 -13.29 -8.11 3.60
C LYS A 39 -14.83 -8.21 3.59
N LYS A 40 -15.31 -9.35 3.08
CA LYS A 40 -16.73 -9.73 3.09
C LYS A 40 -17.48 -9.26 4.33
N GLY A 41 -18.53 -8.45 4.14
CA GLY A 41 -19.35 -8.00 5.23
C GLY A 41 -18.81 -6.81 5.99
N GLU A 42 -17.58 -6.40 5.75
CA GLU A 42 -17.06 -5.19 6.36
C GLU A 42 -17.30 -4.01 5.42
N ARG A 43 -17.51 -2.84 5.99
CA ARG A 43 -17.80 -1.66 5.19
C ARG A 43 -16.50 -1.02 4.73
N THR A 44 -16.37 -0.83 3.42
CA THR A 44 -15.16 -0.28 2.81
C THR A 44 -15.17 1.25 2.95
N VAL A 45 -14.20 1.80 3.70
CA VAL A 45 -14.01 3.25 3.76
C VAL A 45 -12.52 3.56 3.61
N ILE A 46 -12.12 3.98 2.41
CA ILE A 46 -10.73 4.22 2.07
C ILE A 46 -10.49 5.67 1.71
N SER A 47 -11.28 6.20 0.78
CA SER A 47 -11.08 7.51 0.21
C SER A 47 -11.96 8.52 0.95
N HIS A 48 -11.37 9.62 1.37
CA HIS A 48 -12.17 10.65 2.02
C HIS A 48 -12.61 11.69 1.01
N GLN A 49 -13.36 12.67 1.50
CA GLN A 49 -14.09 13.57 0.61
C GLN A 49 -13.15 14.29 -0.33
N GLU A 50 -11.94 14.61 0.14
CA GLU A 50 -11.03 15.36 -0.69
C GLU A 50 -10.67 14.59 -1.95
N THR A 51 -10.52 13.28 -1.85
CA THR A 51 -10.14 12.53 -3.03
C THR A 51 -11.35 12.01 -3.79
N LYS A 52 -12.52 11.99 -3.16
CA LYS A 52 -13.75 11.89 -3.94
C LYS A 52 -13.89 13.10 -4.84
N ASN A 53 -13.64 14.30 -4.28
CA ASN A 53 -13.63 15.51 -5.11
C ASN A 53 -12.60 15.41 -6.23
N MET A 54 -11.40 14.91 -5.92
CA MET A 54 -10.38 14.83 -6.96
C MET A 54 -10.82 13.88 -8.07
N THR A 55 -11.48 12.79 -7.70
CA THR A 55 -12.01 11.85 -8.69
C THR A 55 -13.05 12.52 -9.59
N GLN A 56 -13.99 13.26 -8.99
CA GLN A 56 -14.95 13.97 -9.80
C GLN A 56 -14.26 14.95 -10.75
N TYR A 57 -13.25 15.66 -10.26
CA TYR A 57 -12.51 16.58 -11.13
C TYR A 57 -11.85 15.83 -12.28
N LEU A 58 -11.27 14.67 -11.99
CA LEU A 58 -10.65 13.90 -13.05
C LEU A 58 -11.68 13.45 -14.09
N ARG A 59 -12.85 12.98 -13.63
CA ARG A 59 -13.89 12.57 -14.58
C ARG A 59 -14.31 13.72 -15.49
N SER A 60 -14.25 14.96 -14.98
CA SER A 60 -14.66 16.11 -15.76
C SER A 60 -13.71 16.38 -16.90
N LYS A 61 -12.55 15.72 -16.93
CA LYS A 61 -11.59 15.83 -18.03
C LYS A 61 -11.54 14.60 -18.92
N HIS A 62 -12.40 13.58 -18.69
CA HIS A 62 -12.41 12.36 -19.49
C HIS A 62 -13.71 12.18 -20.23
N ASP A 63 -13.61 11.62 -21.46
CA ASP A 63 -14.80 11.33 -22.27
C ASP A 63 -15.58 10.16 -21.72
N ALA A 64 -14.89 9.19 -21.09
CA ALA A 64 -15.56 7.99 -20.61
C ALA A 64 -14.88 7.51 -19.34
N ILE A 65 -15.59 6.63 -18.65
CA ILE A 65 -15.12 6.00 -17.42
C ILE A 65 -15.45 4.52 -17.52
N LEU A 66 -14.46 3.66 -17.27
CA LEU A 66 -14.59 2.21 -17.46
C LEU A 66 -14.43 1.48 -16.14
N VAL A 67 -15.38 0.60 -15.83
CA VAL A 67 -15.25 -0.33 -14.70
C VAL A 67 -15.66 -1.73 -15.16
N GLY A 68 -15.42 -2.71 -14.28
CA GLY A 68 -15.85 -4.07 -14.49
C GLY A 68 -17.05 -4.42 -13.62
N VAL A 69 -17.47 -5.68 -13.75
CA VAL A 69 -18.72 -6.12 -13.14
C VAL A 69 -18.62 -6.09 -11.63
N LYS A 70 -17.48 -6.53 -11.09
CA LYS A 70 -17.33 -6.58 -9.64
C LYS A 70 -17.52 -5.21 -9.03
N THR A 71 -16.98 -4.17 -9.66
CA THR A 71 -17.12 -2.82 -9.13
C THR A 71 -18.58 -2.41 -9.11
N VAL A 72 -19.29 -2.69 -10.20
CA VAL A 72 -20.71 -2.34 -10.29
C VAL A 72 -21.50 -3.07 -9.20
N LEU A 73 -21.28 -4.38 -9.07
CA LEU A 73 -21.97 -5.13 -8.03
C LEU A 73 -21.64 -4.58 -6.64
N ALA A 74 -20.35 -4.27 -6.38
CA ALA A 74 -19.97 -3.90 -5.02
C ALA A 74 -20.43 -2.49 -4.65
N ASP A 75 -20.44 -1.57 -5.62
CA ASP A 75 -20.64 -0.16 -5.33
C ASP A 75 -21.95 0.42 -5.83
N ASP A 76 -22.60 -0.18 -6.83
CA ASP A 76 -23.75 0.41 -7.50
C ASP A 76 -23.44 1.85 -7.87
N PRO A 77 -22.32 2.11 -8.55
CA PRO A 77 -21.85 3.48 -8.70
C PRO A 77 -22.68 4.23 -9.75
N GLY A 78 -22.67 5.56 -9.62
CA GLY A 78 -23.39 6.37 -10.60
C GLY A 78 -22.64 6.47 -11.90
N LEU A 79 -21.31 6.60 -11.83
CA LEU A 79 -20.42 6.69 -13.00
C LEU A 79 -20.72 7.91 -13.86
N ASN A 80 -21.27 8.95 -13.25
CA ASN A 80 -21.41 10.27 -13.88
C ASN A 80 -20.41 11.22 -13.23
N CYS A 81 -20.41 12.47 -13.69
CA CYS A 81 -19.53 13.48 -13.16
C CYS A 81 -20.35 14.55 -12.45
N LYS A 82 -20.06 14.77 -11.17
CA LYS A 82 -20.82 15.71 -10.36
C LYS A 82 -20.61 17.16 -10.77
N LEU A 83 -19.54 17.45 -11.51
CA LEU A 83 -19.32 18.78 -12.07
C LEU A 83 -20.24 19.07 -13.26
N GLY A 84 -21.10 18.13 -13.67
CA GLY A 84 -22.09 18.38 -14.68
C GLY A 84 -21.69 18.08 -16.11
N THR A 85 -20.41 17.86 -16.38
CA THR A 85 -20.01 17.49 -17.73
C THR A 85 -20.43 16.05 -18.03
N PRO A 86 -20.74 15.73 -19.29
CA PRO A 86 -21.13 14.36 -19.61
C PRO A 86 -19.92 13.44 -19.58
N ILE A 87 -20.14 12.20 -19.12
CA ILE A 87 -19.10 11.19 -19.20
C ILE A 87 -19.77 9.84 -19.47
N ARG A 88 -19.24 9.11 -20.45
CA ARG A 88 -19.89 7.90 -20.94
C ARG A 88 -19.46 6.68 -20.14
N PRO A 89 -20.35 6.03 -19.39
CA PRO A 89 -19.95 4.82 -18.66
C PRO A 89 -19.75 3.63 -19.59
N ILE A 90 -18.61 2.96 -19.45
CA ILE A 90 -18.26 1.75 -20.19
C ILE A 90 -18.09 0.63 -19.18
N ILE A 91 -18.90 -0.42 -19.30
CA ILE A 91 -18.86 -1.54 -18.38
C ILE A 91 -18.30 -2.76 -19.09
N LEU A 92 -17.20 -3.29 -18.57
CA LEU A 92 -16.62 -4.51 -19.11
C LEU A 92 -17.34 -5.69 -18.50
N ASP A 93 -18.10 -6.41 -19.30
CA ASP A 93 -18.96 -7.50 -18.82
C ASP A 93 -19.02 -8.57 -19.89
N PRO A 94 -18.01 -9.48 -19.93
CA PRO A 94 -17.91 -10.48 -21.00
C PRO A 94 -19.17 -11.30 -21.27
N THR A 95 -19.86 -11.80 -20.24
CA THR A 95 -21.09 -12.55 -20.47
C THR A 95 -22.34 -11.73 -20.23
N PHE A 96 -22.20 -10.40 -20.09
CA PHE A 96 -23.35 -9.53 -19.80
C PHE A 96 -24.18 -10.08 -18.64
N GLN A 97 -23.48 -10.53 -17.60
CA GLN A 97 -24.03 -10.83 -16.28
C GLN A 97 -25.03 -9.79 -15.80
N LEU A 98 -24.68 -8.53 -16.02
CA LEU A 98 -25.41 -7.44 -15.36
C LEU A 98 -26.79 -7.23 -15.95
N LEU A 99 -27.14 -7.96 -17.02
CA LEU A 99 -28.49 -7.89 -17.56
C LEU A 99 -29.52 -8.11 -16.45
N SER A 100 -29.23 -9.08 -15.55
CA SER A 100 -30.14 -9.45 -14.48
C SER A 100 -30.34 -8.32 -13.47
N LYS A 101 -29.41 -7.36 -13.42
CA LYS A 101 -29.44 -6.26 -12.44
C LYS A 101 -29.93 -4.95 -13.04
N ILE A 102 -30.18 -4.93 -14.36
CA ILE A 102 -30.47 -3.71 -15.10
C ILE A 102 -31.66 -2.95 -14.51
N ALA A 103 -32.62 -3.66 -13.92
CA ALA A 103 -33.76 -2.97 -13.34
C ALA A 103 -33.39 -2.23 -12.07
N SER A 104 -32.26 -2.57 -11.44
CA SER A 104 -31.86 -2.02 -10.15
C SER A 104 -30.71 -1.01 -10.20
N LEU A 105 -29.85 -1.08 -11.23
CA LEU A 105 -28.59 -0.35 -11.22
C LEU A 105 -28.81 1.16 -11.28
N LYS A 106 -28.00 1.88 -10.48
CA LYS A 106 -28.08 3.33 -10.44
C LYS A 106 -27.61 3.94 -11.76
N LEU A 107 -26.60 3.35 -12.39
CA LEU A 107 -26.13 3.90 -13.65
C LEU A 107 -27.18 3.80 -14.76
N ILE A 108 -28.05 2.79 -14.69
CA ILE A 108 -29.17 2.71 -15.63
C ILE A 108 -30.20 3.80 -15.32
N LYS A 109 -30.54 3.98 -14.04
CA LYS A 109 -31.45 5.06 -13.64
C LYS A 109 -30.98 6.42 -14.14
N LEU A 110 -29.71 6.74 -13.89
CA LEU A 110 -29.19 8.03 -14.33
C LEU A 110 -29.28 8.17 -15.83
N GLY A 111 -28.95 7.10 -16.55
CA GLY A 111 -29.06 7.13 -18.00
C GLY A 111 -30.47 7.44 -18.47
N LEU A 112 -31.47 6.86 -17.80
CA LEU A 112 -32.86 7.14 -18.20
C LEU A 112 -33.25 8.57 -17.84
N SER A 113 -32.85 9.05 -16.66
CA SER A 113 -33.27 10.38 -16.24
C SER A 113 -32.57 11.49 -17.01
N GLY A 114 -31.41 11.21 -17.59
CA GLY A 114 -30.62 12.25 -18.23
C GLY A 114 -29.52 12.82 -17.36
N GLU A 115 -29.50 12.51 -16.06
CA GLU A 115 -28.40 12.89 -15.19
C GLU A 115 -27.09 12.25 -15.60
N GLY A 116 -27.15 11.16 -16.38
CA GLY A 116 -25.96 10.50 -16.88
C GLY A 116 -26.14 10.10 -18.33
N GLU A 117 -25.06 9.62 -18.92
CA GLU A 117 -25.14 9.07 -20.26
C GLU A 117 -25.55 7.60 -20.19
N PRO A 118 -26.24 7.10 -21.22
CA PRO A 118 -26.58 5.67 -21.26
C PRO A 118 -25.31 4.82 -21.36
N PRO A 119 -25.24 3.71 -20.66
CA PRO A 119 -23.98 2.97 -20.56
C PRO A 119 -23.74 2.07 -21.76
N VAL A 120 -22.46 1.76 -21.93
CA VAL A 120 -21.97 0.80 -22.92
C VAL A 120 -21.55 -0.45 -22.16
N PHE A 121 -22.03 -1.60 -22.60
CA PHE A 121 -21.54 -2.87 -22.10
C PHE A 121 -20.65 -3.52 -23.16
N ILE A 122 -19.45 -3.89 -22.77
CA ILE A 122 -18.50 -4.59 -23.64
C ILE A 122 -18.58 -6.08 -23.31
N THR A 123 -19.03 -6.87 -24.28
CA THR A 123 -19.28 -8.29 -24.10
C THR A 123 -18.52 -9.10 -25.14
N ARG A 124 -18.49 -10.42 -24.96
CA ARG A 124 -18.06 -11.30 -26.03
C ARG A 124 -19.07 -11.24 -27.17
N LYS A 125 -18.61 -11.67 -28.33
CA LYS A 125 -19.45 -11.73 -29.52
C LYS A 125 -20.54 -12.79 -29.36
N GLY A 126 -21.76 -12.44 -29.77
CA GLY A 126 -22.87 -13.38 -29.68
C GLY A 126 -23.46 -13.59 -28.30
N VAL A 127 -23.25 -12.67 -27.37
CA VAL A 127 -23.84 -12.82 -26.03
C VAL A 127 -25.26 -12.29 -26.01
N VAL A 128 -25.47 -11.12 -26.60
CA VAL A 128 -26.75 -10.44 -26.62
C VAL A 128 -27.28 -10.53 -28.04
N SER A 129 -28.37 -11.26 -28.21
CA SER A 129 -28.92 -11.49 -29.54
C SER A 129 -29.32 -10.14 -30.13
N PRO A 130 -29.49 -10.08 -31.47
CA PRO A 130 -29.80 -8.78 -32.08
C PRO A 130 -31.10 -8.17 -31.62
N ASP A 131 -32.15 -8.97 -31.42
CA ASP A 131 -33.42 -8.38 -31.01
C ASP A 131 -33.34 -7.82 -29.60
N LEU A 132 -32.59 -8.50 -28.73
CA LEU A 132 -32.39 -8.01 -27.37
C LEU A 132 -31.60 -6.71 -27.37
N GLN A 133 -30.53 -6.66 -28.15
CA GLN A 133 -29.80 -5.40 -28.34
C GLN A 133 -30.75 -4.29 -28.73
N ALA A 134 -31.62 -4.54 -29.72
CA ALA A 134 -32.51 -3.47 -30.17
C ALA A 134 -33.45 -3.06 -29.04
N ASN A 135 -34.01 -4.03 -28.31
CA ASN A 135 -34.96 -3.70 -27.26
C ASN A 135 -34.27 -3.02 -26.07
N LEU A 136 -33.08 -3.48 -25.70
CA LEU A 136 -32.35 -2.80 -24.62
C LEU A 136 -31.97 -1.38 -25.01
N ARG A 137 -31.70 -1.14 -26.29
CA ARG A 137 -31.39 0.22 -26.70
C ARG A 137 -32.63 1.10 -26.62
N SER A 138 -33.79 0.58 -27.04
CA SER A 138 -35.01 1.37 -26.98
C SER A 138 -35.46 1.62 -25.55
N ASP A 139 -35.40 0.59 -24.69
CA ASP A 139 -35.95 0.69 -23.34
C ASP A 139 -35.01 1.36 -22.35
N TYR A 140 -33.70 1.17 -22.52
CA TYR A 140 -32.71 1.65 -21.56
C TYR A 140 -31.63 2.52 -22.15
N GLY A 141 -31.63 2.75 -23.46
CA GLY A 141 -30.53 3.47 -24.09
C GLY A 141 -29.20 2.73 -24.12
N ILE A 142 -29.16 1.45 -23.77
CA ILE A 142 -27.90 0.71 -23.67
C ILE A 142 -27.31 0.42 -25.03
N SER A 143 -25.99 0.49 -25.12
CA SER A 143 -25.25 -0.03 -26.26
C SER A 143 -24.47 -1.26 -25.85
N ILE A 144 -24.40 -2.23 -26.76
CA ILE A 144 -23.58 -3.41 -26.59
C ILE A 144 -22.45 -3.32 -27.62
N VAL A 145 -21.21 -3.37 -27.14
CA VAL A 145 -20.03 -3.46 -27.99
C VAL A 145 -19.44 -4.85 -27.82
N GLU A 146 -19.20 -5.52 -28.94
CA GLU A 146 -18.78 -6.91 -28.95
C GLU A 146 -17.31 -7.03 -29.33
N ILE A 147 -16.59 -7.89 -28.62
CA ILE A 147 -15.20 -8.20 -28.91
C ILE A 147 -15.16 -9.57 -29.60
N ALA A 148 -14.68 -9.61 -30.85
CA ALA A 148 -14.59 -10.87 -31.57
C ALA A 148 -13.61 -11.83 -30.89
N ASP A 149 -13.81 -13.14 -31.15
CA ASP A 149 -12.91 -14.14 -30.58
C ASP A 149 -11.46 -13.91 -30.99
N ARG A 150 -11.23 -13.33 -32.18
CA ARG A 150 -9.85 -13.01 -32.55
C ARG A 150 -9.21 -12.07 -31.53
N ASP A 151 -10.00 -11.26 -30.83
CA ASP A 151 -9.44 -10.33 -29.85
C ASP A 151 -9.54 -10.86 -28.42
N VAL A 152 -9.71 -12.16 -28.25
CA VAL A 152 -9.76 -12.80 -26.94
C VAL A 152 -8.58 -13.77 -26.86
N HIS A 153 -7.71 -13.58 -25.88
CA HIS A 153 -6.48 -14.35 -25.78
C HIS A 153 -6.33 -14.91 -24.37
N ARG A 154 -6.14 -16.23 -24.29
CA ARG A 154 -6.13 -16.93 -23.00
C ARG A 154 -7.32 -16.50 -22.16
N GLY A 155 -8.48 -16.41 -22.80
CA GLY A 155 -9.73 -16.09 -22.16
C GLY A 155 -9.96 -14.62 -21.85
N LYS A 156 -8.99 -13.75 -22.12
CA LYS A 156 -9.05 -12.35 -21.73
C LYS A 156 -9.26 -11.46 -22.95
N MET A 157 -10.28 -10.60 -22.89
CA MET A 157 -10.45 -9.59 -23.93
C MET A 157 -9.21 -8.72 -24.03
N SER A 158 -8.83 -8.40 -25.26
CA SER A 158 -7.62 -7.60 -25.49
C SER A 158 -7.89 -6.14 -25.14
N TRP A 159 -7.08 -5.61 -24.20
CA TRP A 159 -7.16 -4.19 -23.87
C TRP A 159 -6.88 -3.33 -25.09
N PHE A 160 -5.90 -3.71 -25.89
CA PHE A 160 -5.65 -2.99 -27.13
C PHE A 160 -6.89 -2.93 -28.01
N ALA A 161 -7.54 -4.08 -28.20
CA ALA A 161 -8.74 -4.09 -29.04
C ALA A 161 -9.87 -3.27 -28.43
N ILE A 162 -10.07 -3.39 -27.11
CA ILE A 162 -11.11 -2.61 -26.43
C ILE A 162 -10.86 -1.14 -26.60
N LEU A 163 -9.62 -0.70 -26.34
CA LEU A 163 -9.32 0.72 -26.39
C LEU A 163 -9.43 1.25 -27.81
N LYS A 164 -9.12 0.42 -28.81
CA LYS A 164 -9.28 0.84 -30.20
C LYS A 164 -10.74 1.15 -30.51
N ILE A 165 -11.65 0.29 -30.06
CA ILE A 165 -13.06 0.51 -30.37
C ILE A 165 -13.51 1.82 -29.76
N LEU A 166 -13.11 2.07 -28.51
CA LEU A 166 -13.51 3.32 -27.86
C LEU A 166 -13.00 4.53 -28.63
N LYS A 167 -11.73 4.49 -29.03
CA LYS A 167 -11.18 5.57 -29.84
C LYS A 167 -11.95 5.71 -31.15
N ASP A 168 -12.22 4.58 -31.82
CA ASP A 168 -12.98 4.63 -33.07
C ASP A 168 -14.35 5.26 -32.88
N ALA A 169 -14.98 5.06 -31.72
CA ALA A 169 -16.24 5.72 -31.39
C ALA A 169 -16.04 7.11 -30.82
N GLU A 170 -14.86 7.71 -30.97
CA GLU A 170 -14.61 9.10 -30.60
C GLU A 170 -14.55 9.28 -29.08
N ILE A 171 -14.17 8.24 -28.36
CA ILE A 171 -13.77 8.36 -26.96
C ILE A 171 -12.26 8.55 -26.97
N HIS A 172 -11.82 9.79 -26.75
CA HIS A 172 -10.40 10.13 -26.82
C HIS A 172 -9.69 10.06 -25.47
N SER A 173 -10.42 9.94 -24.36
CA SER A 173 -9.81 9.72 -23.05
C SER A 173 -10.77 8.86 -22.24
N VAL A 174 -10.20 7.93 -21.48
CA VAL A 174 -10.97 7.02 -20.64
C VAL A 174 -10.27 6.91 -19.29
N MET A 175 -11.05 7.00 -18.24
CA MET A 175 -10.59 6.87 -16.86
C MET A 175 -10.98 5.47 -16.41
N VAL A 176 -10.00 4.61 -16.20
CA VAL A 176 -10.30 3.25 -15.78
C VAL A 176 -10.27 3.23 -14.26
N GLU A 177 -11.42 3.01 -13.62
CA GLU A 177 -11.51 3.21 -12.17
C GLU A 177 -11.45 1.92 -11.38
N GLY A 178 -11.47 0.77 -12.04
CA GLY A 178 -10.96 -0.36 -11.31
C GLY A 178 -11.67 -1.68 -11.40
N GLY A 179 -11.55 -2.41 -10.30
CA GLY A 179 -11.53 -3.84 -10.32
C GLY A 179 -10.07 -4.23 -10.12
N ALA A 180 -9.80 -5.07 -9.13
CA ALA A 180 -8.44 -5.52 -8.89
C ALA A 180 -7.86 -6.24 -10.11
N THR A 181 -8.66 -7.06 -10.81
CA THR A 181 -8.11 -7.77 -11.97
C THR A 181 -7.74 -6.81 -13.09
N ILE A 182 -8.61 -5.82 -13.36
CA ILE A 182 -8.32 -4.81 -14.36
C ILE A 182 -7.07 -4.02 -14.00
N ILE A 183 -6.94 -3.63 -12.72
CA ILE A 183 -5.76 -2.88 -12.28
C ILE A 183 -4.49 -3.70 -12.46
N ASN A 184 -4.50 -4.95 -11.96
CA ASN A 184 -3.30 -5.79 -12.08
C ASN A 184 -2.92 -6.01 -13.55
N ASP A 185 -3.90 -6.29 -14.41
CA ASP A 185 -3.62 -6.51 -15.83
C ASP A 185 -3.08 -5.26 -16.50
N LEU A 186 -3.71 -4.10 -16.25
CA LEU A 186 -3.28 -2.89 -16.92
C LEU A 186 -1.92 -2.39 -16.42
N LEU A 187 -1.58 -2.66 -15.15
CA LEU A 187 -0.28 -2.23 -14.64
C LEU A 187 0.88 -2.85 -15.42
N ILE A 188 0.69 -4.06 -15.94
CA ILE A 188 1.73 -4.73 -16.71
C ILE A 188 1.46 -4.74 -18.22
N CYS A 189 0.27 -4.36 -18.67
CA CYS A 189 -0.03 -4.47 -20.10
C CYS A 189 0.85 -3.52 -20.89
N ARG A 190 1.59 -4.06 -21.84
CA ARG A 190 2.47 -3.27 -22.68
C ARG A 190 2.21 -3.65 -24.13
N GLN A 191 2.29 -2.66 -25.00
CA GLN A 191 2.22 -2.88 -26.43
C GLN A 191 3.60 -2.50 -26.95
N ASN A 192 4.43 -3.52 -27.16
CA ASN A 192 5.78 -3.36 -27.71
C ASN A 192 6.60 -2.43 -26.83
N SER A 193 6.62 -2.72 -25.53
CA SER A 193 7.35 -2.03 -24.48
C SER A 193 6.66 -0.75 -24.02
N VAL A 194 5.56 -0.35 -24.63
CA VAL A 194 4.90 0.92 -24.32
C VAL A 194 3.67 0.63 -23.46
N PRO A 195 3.55 1.25 -22.29
CA PRO A 195 2.35 1.06 -21.47
C PRO A 195 1.11 1.60 -22.17
N LEU A 196 0.01 0.84 -22.06
CA LEU A 196 -1.28 1.36 -22.47
C LEU A 196 -1.75 2.48 -21.55
N VAL A 197 -1.35 2.43 -20.28
CA VAL A 197 -1.75 3.45 -19.32
C VAL A 197 -0.90 4.69 -19.51
N ALA A 198 -1.55 5.84 -19.69
CA ALA A 198 -0.82 7.11 -19.80
C ALA A 198 -0.57 7.76 -18.44
N SER A 199 -1.56 7.77 -17.55
CA SER A 199 -1.44 8.38 -16.24
C SER A 199 -1.92 7.39 -15.19
N LEU A 200 -1.17 7.26 -14.10
CA LEU A 200 -1.53 6.46 -12.94
C LEU A 200 -1.81 7.43 -11.79
N ILE A 201 -3.00 7.38 -11.23
CA ILE A 201 -3.38 8.31 -10.15
C ILE A 201 -3.97 7.51 -9.01
N ILE A 202 -3.26 7.42 -7.91
CA ILE A 202 -3.67 6.50 -6.84
C ILE A 202 -3.93 7.29 -5.55
N THR A 203 -5.09 7.07 -4.95
CA THR A 203 -5.38 7.56 -3.62
C THR A 203 -4.94 6.51 -2.61
N VAL A 204 -4.23 6.95 -1.58
CA VAL A 204 -3.86 6.09 -0.47
C VAL A 204 -4.65 6.54 0.74
N GLY A 205 -5.48 5.65 1.28
CA GLY A 205 -6.24 5.98 2.47
C GLY A 205 -5.53 5.46 3.71
N PRO A 206 -5.52 6.25 4.78
CA PRO A 206 -4.70 5.86 5.94
C PRO A 206 -5.43 4.86 6.82
N VAL A 207 -5.49 3.63 6.32
CA VAL A 207 -6.22 2.56 6.99
C VAL A 207 -5.62 1.26 6.49
N TYR A 208 -5.73 0.20 7.30
CA TYR A 208 -5.42 -1.16 6.90
C TYR A 208 -6.73 -1.93 6.74
N LEU A 209 -6.88 -2.67 5.64
CA LEU A 209 -8.04 -3.55 5.49
C LEU A 209 -7.74 -5.01 5.83
N GLY A 210 -6.47 -5.42 5.91
CA GLY A 210 -6.14 -6.76 6.35
C GLY A 210 -6.11 -7.77 5.23
N LYS A 211 -5.73 -9.00 5.59
CA LYS A 211 -5.40 -10.01 4.60
C LYS A 211 -6.62 -10.54 3.84
N ASP A 212 -7.84 -10.36 4.35
CA ASP A 212 -9.06 -10.81 3.69
C ASP A 212 -9.74 -9.71 2.88
N GLY A 213 -9.10 -8.55 2.72
CA GLY A 213 -9.59 -7.54 1.79
C GLY A 213 -9.20 -7.89 0.37
N VAL A 214 -9.58 -7.02 -0.56
CA VAL A 214 -9.37 -7.30 -1.98
C VAL A 214 -8.04 -6.67 -2.39
N GLU A 215 -7.07 -7.51 -2.69
CA GLU A 215 -5.69 -7.08 -2.82
C GLU A 215 -5.39 -6.61 -4.23
N VAL A 216 -4.58 -5.55 -4.33
CA VAL A 216 -3.99 -5.15 -5.59
C VAL A 216 -2.49 -5.32 -5.49
N THR A 217 -1.92 -6.05 -6.45
CA THR A 217 -0.48 -6.23 -6.57
C THR A 217 -0.23 -6.85 -7.94
N PRO A 218 0.58 -6.25 -8.77
CA PRO A 218 0.81 -6.79 -10.12
C PRO A 218 1.60 -8.10 -10.06
N ALA A 219 1.61 -8.81 -11.21
CA ALA A 219 2.31 -10.09 -11.29
C ALA A 219 3.82 -9.94 -11.26
N ARG A 220 4.34 -8.74 -11.48
CA ARG A 220 5.77 -8.48 -11.40
C ARG A 220 5.98 -7.05 -10.97
N SER A 221 7.22 -6.71 -10.61
CA SER A 221 7.48 -5.35 -10.16
C SER A 221 7.31 -4.38 -11.33
N VAL A 222 6.91 -3.16 -11.01
CA VAL A 222 6.57 -2.14 -12.00
C VAL A 222 7.12 -0.82 -11.51
N LYS A 223 7.87 -0.16 -12.37
CA LYS A 223 8.53 1.08 -12.02
C LYS A 223 7.72 2.25 -12.55
N LEU A 224 7.80 3.36 -11.84
CA LEU A 224 7.03 4.53 -12.17
C LEU A 224 7.98 5.67 -12.51
N GLY A 225 7.50 6.61 -13.35
CA GLY A 225 8.26 7.80 -13.66
C GLY A 225 7.41 9.04 -13.47
N ASN A 226 8.07 10.20 -13.52
CA ASN A 226 7.39 11.50 -13.42
C ASN A 226 6.53 11.58 -12.16
N VAL A 227 7.00 10.95 -11.08
CA VAL A 227 6.21 10.83 -9.85
C VAL A 227 5.98 12.20 -9.23
N ARG A 228 4.74 12.46 -8.82
CA ARG A 228 4.44 13.60 -7.97
C ARG A 228 3.46 13.18 -6.89
N TRP A 229 3.62 13.75 -5.70
CA TRP A 229 2.73 13.45 -4.59
C TRP A 229 1.89 14.66 -4.23
N TRP A 230 0.73 14.39 -3.65
CA TRP A 230 -0.18 15.37 -3.07
C TRP A 230 -0.74 14.75 -1.81
N HIS A 231 -1.15 15.58 -0.85
CA HIS A 231 -1.88 15.07 0.30
C HIS A 231 -2.81 16.15 0.83
N GLY A 232 -3.95 15.73 1.38
CA GLY A 232 -4.89 16.65 2.01
C GLY A 232 -4.97 16.53 3.53
N ILE A 233 -6.19 16.50 4.06
CA ILE A 233 -6.40 16.36 5.50
C ILE A 233 -6.22 14.92 5.93
N GLN A 234 -6.58 13.97 5.06
CA GLN A 234 -6.63 12.55 5.43
C GLN A 234 -5.87 11.67 4.45
N ASP A 235 -6.00 11.92 3.15
CA ASP A 235 -5.53 11.03 2.10
C ASP A 235 -4.28 11.58 1.44
N ALA A 236 -3.52 10.66 0.83
CA ALA A 236 -2.43 11.02 -0.07
C ALA A 236 -2.75 10.56 -1.49
N VAL A 237 -2.11 11.20 -2.46
CA VAL A 237 -2.30 10.84 -3.87
C VAL A 237 -0.94 10.84 -4.56
N VAL A 238 -0.63 9.77 -5.28
CA VAL A 238 0.54 9.75 -6.15
C VAL A 238 0.04 9.80 -7.59
N ALA A 239 0.69 10.60 -8.40
CA ALA A 239 0.41 10.62 -9.83
C ALA A 239 1.72 10.30 -10.53
N ALA A 240 1.66 9.49 -11.58
CA ALA A 240 2.88 9.03 -12.22
C ALA A 240 2.55 8.52 -13.62
N SER A 241 3.60 8.24 -14.37
CA SER A 241 3.52 7.47 -15.61
C SER A 241 4.21 6.13 -15.40
N LEU A 242 3.91 5.17 -16.26
CA LEU A 242 4.55 3.86 -16.21
C LEU A 242 5.82 3.91 -17.04
N GLU A 243 6.91 3.34 -16.49
CA GLU A 243 8.21 3.40 -17.14
C GLU A 243 8.24 2.56 -18.40
N LEU A 244 9.05 2.99 -19.36
CA LEU A 244 9.30 2.23 -20.58
C LEU A 244 10.26 1.07 -20.32
N SER B 2 10.54 20.52 5.57
CA SER B 2 11.29 19.50 6.29
C SER B 2 10.36 18.54 6.97
N PHE B 3 10.84 17.33 7.19
CA PHE B 3 10.03 16.38 7.95
C PHE B 3 10.11 16.59 9.45
N VAL B 4 10.97 17.50 9.94
CA VAL B 4 11.20 17.68 11.37
C VAL B 4 9.99 18.31 12.05
N PRO B 5 9.43 19.43 11.55
CA PRO B 5 8.19 19.93 12.16
C PRO B 5 7.03 18.95 12.01
N PHE B 6 7.00 18.22 10.90
CA PHE B 6 5.96 17.21 10.69
C PHE B 6 6.02 16.11 11.76
N LEU B 7 7.22 15.65 12.14
CA LEU B 7 7.38 14.56 13.09
C LEU B 7 7.36 15.01 14.55
N GLU B 8 7.44 16.32 14.81
CA GLU B 8 7.53 16.83 16.17
C GLU B 8 6.52 16.24 17.16
N PRO B 9 5.23 16.09 16.85
CA PRO B 9 4.31 15.47 17.81
C PRO B 9 4.39 13.96 17.89
N PHE B 10 5.17 13.31 17.03
CA PHE B 10 5.25 11.86 16.97
C PHE B 10 6.54 11.29 17.53
N ILE B 11 7.56 12.11 17.76
CA ILE B 11 8.80 11.61 18.33
C ILE B 11 8.54 11.29 19.80
N PRO B 12 9.33 10.44 20.45
CA PRO B 12 8.99 9.99 21.81
C PRO B 12 8.71 11.15 22.77
N HIS B 13 7.70 10.93 23.60
CA HIS B 13 7.19 11.91 24.56
C HIS B 13 6.44 11.10 25.61
N GLU B 14 6.12 11.74 26.74
CA GLU B 14 5.60 10.98 27.87
C GLU B 14 4.08 10.90 27.90
N ASN B 15 3.40 11.33 26.85
CA ASN B 15 1.96 11.13 26.77
C ASN B 15 1.63 9.68 26.47
N THR B 16 1.88 8.80 27.42
CA THR B 16 1.79 7.37 27.22
C THR B 16 0.72 6.82 28.14
N LEU B 17 -0.15 5.97 27.59
CA LEU B 17 -1.17 5.27 28.37
C LEU B 17 -0.64 4.02 29.05
N LEU B 18 0.56 3.55 28.68
CA LEU B 18 1.13 2.34 29.24
C LEU B 18 2.50 2.70 29.79
N PRO B 19 2.55 3.25 31.01
CA PRO B 19 3.84 3.71 31.55
C PRO B 19 4.79 2.57 31.91
N GLU B 20 4.30 1.33 31.99
CA GLU B 20 5.19 0.18 32.14
C GLU B 20 6.03 -0.08 30.88
N LEU B 21 5.80 0.64 29.79
CA LEU B 21 6.40 0.34 28.50
C LEU B 21 7.23 1.52 28.02
N PRO B 22 8.23 1.28 27.16
CA PRO B 22 8.85 2.39 26.45
C PRO B 22 7.87 2.97 25.45
N PHE B 23 8.15 4.19 25.01
CA PHE B 23 7.48 4.72 23.83
C PHE B 23 7.88 3.86 22.64
N VAL B 24 6.90 3.32 21.92
CA VAL B 24 7.17 2.43 20.79
C VAL B 24 6.79 3.12 19.50
N THR B 25 7.75 3.24 18.60
CA THR B 25 7.49 3.64 17.22
C THR B 25 7.60 2.39 16.35
N LEU B 26 6.56 2.14 15.54
CA LEU B 26 6.62 1.15 14.47
C LEU B 26 6.79 1.91 13.15
N THR B 27 7.83 1.59 12.40
CA THR B 27 8.11 2.36 11.19
C THR B 27 8.77 1.47 10.14
N TYR B 28 8.36 1.66 8.88
CA TYR B 28 8.88 0.85 7.78
C TYR B 28 8.61 1.58 6.47
N ALA B 29 9.25 1.08 5.40
CA ALA B 29 9.10 1.65 4.08
C ALA B 29 8.44 0.61 3.17
N GLN B 30 7.39 1.01 2.48
CA GLN B 30 6.63 0.08 1.67
C GLN B 30 6.50 0.59 0.25
N SER B 31 6.45 -0.35 -0.69
CA SER B 31 5.99 -0.04 -2.02
C SER B 31 4.51 0.33 -2.01
N LEU B 32 3.95 0.73 -3.15
CA LEU B 32 2.51 1.00 -3.22
C LEU B 32 1.71 -0.27 -2.95
N ASP B 33 2.19 -1.43 -3.41
CA ASP B 33 1.46 -2.65 -3.14
C ASP B 33 1.83 -3.31 -1.79
N SER B 34 2.33 -2.52 -0.84
CA SER B 34 2.51 -2.98 0.54
C SER B 34 3.50 -4.13 0.63
N ARG B 35 4.59 -4.06 -0.12
CA ARG B 35 5.74 -4.94 0.09
C ARG B 35 6.89 -4.16 0.70
N ILE B 36 7.66 -4.81 1.58
CA ILE B 36 8.81 -4.18 2.22
C ILE B 36 10.12 -4.68 1.67
N ALA B 37 10.09 -5.67 0.77
CA ALA B 37 11.29 -6.18 0.13
C ALA B 37 10.88 -6.79 -1.20
N ALA B 38 11.71 -6.59 -2.22
CA ALA B 38 11.45 -7.15 -3.53
C ALA B 38 11.46 -8.67 -3.47
N LYS B 39 11.09 -9.31 -4.58
CA LYS B 39 11.12 -10.76 -4.65
C LYS B 39 12.56 -11.26 -4.57
N LYS B 40 12.70 -12.55 -4.24
CA LYS B 40 13.96 -13.14 -3.80
C LYS B 40 15.18 -12.55 -4.49
N GLY B 41 15.31 -12.77 -5.79
CA GLY B 41 16.55 -12.31 -6.40
C GLY B 41 16.60 -10.86 -6.81
N GLU B 42 15.58 -10.05 -6.50
CA GLU B 42 15.47 -8.70 -7.03
C GLU B 42 15.98 -7.66 -6.03
N ARG B 43 16.49 -6.56 -6.56
CA ARG B 43 17.04 -5.49 -5.73
C ARG B 43 15.92 -4.58 -5.20
N THR B 44 15.85 -4.41 -3.88
CA THR B 44 14.79 -3.65 -3.21
C THR B 44 15.13 -2.16 -3.20
N VAL B 45 14.36 -1.33 -3.94
CA VAL B 45 14.55 0.13 -3.91
C VAL B 45 13.18 0.79 -3.70
N ILE B 46 12.95 1.30 -2.48
CA ILE B 46 11.65 1.78 -2.05
C ILE B 46 11.79 3.21 -1.55
N SER B 47 12.63 3.38 -0.54
CA SER B 47 12.79 4.64 0.16
C SER B 47 13.92 5.43 -0.49
N HIS B 48 13.65 6.67 -0.84
CA HIS B 48 14.69 7.49 -1.43
C HIS B 48 15.42 8.28 -0.34
N GLN B 49 16.42 9.08 -0.73
CA GLN B 49 17.34 9.64 0.26
C GLN B 49 16.59 10.44 1.33
N GLU B 50 15.54 11.17 0.93
CA GLU B 50 14.84 12.03 1.89
C GLU B 50 14.23 11.22 3.05
N THR B 51 13.64 10.05 2.77
CA THR B 51 13.08 9.26 3.85
C THR B 51 14.12 8.31 4.49
N LYS B 52 15.20 7.98 3.79
CA LYS B 52 16.38 7.43 4.48
C LYS B 52 16.86 8.39 5.56
N ASN B 53 16.91 9.68 5.22
CA ASN B 53 17.27 10.70 6.19
C ASN B 53 16.27 10.75 7.34
N MET B 54 14.98 10.74 7.01
CA MET B 54 13.96 10.76 8.06
C MET B 54 14.14 9.64 9.07
N THR B 55 14.42 8.43 8.57
CA THR B 55 14.61 7.29 9.45
C THR B 55 15.81 7.52 10.40
N GLN B 56 16.92 8.04 9.87
CA GLN B 56 18.06 8.32 10.74
C GLN B 56 17.72 9.41 11.75
N TYR B 57 16.96 10.42 11.34
CA TYR B 57 16.51 11.40 12.32
C TYR B 57 15.65 10.75 13.39
N LEU B 58 14.74 9.85 13.00
CA LEU B 58 13.91 9.18 14.01
C LEU B 58 14.76 8.33 14.94
N ARG B 59 15.76 7.62 14.40
CA ARG B 59 16.65 6.85 15.26
C ARG B 59 17.33 7.74 16.31
N SER B 60 17.70 8.97 15.94
CA SER B 60 18.36 9.87 16.89
C SER B 60 17.45 10.27 18.05
N LYS B 61 16.15 10.04 17.95
CA LYS B 61 15.22 10.36 19.02
C LYS B 61 14.82 9.15 19.84
N HIS B 62 15.37 7.95 19.56
CA HIS B 62 15.00 6.75 20.31
C HIS B 62 16.21 6.20 21.06
N ASP B 63 15.94 5.52 22.19
CA ASP B 63 16.99 4.85 22.96
C ASP B 63 17.47 3.56 22.30
N ALA B 64 16.60 2.87 21.57
CA ALA B 64 16.89 1.52 21.07
C ALA B 64 16.22 1.35 19.72
N ILE B 65 16.78 0.46 18.91
CA ILE B 65 16.16 0.05 17.66
C ILE B 65 16.01 -1.46 17.67
N LEU B 66 14.85 -1.96 17.24
CA LEU B 66 14.56 -3.38 17.30
C LEU B 66 14.23 -3.94 15.91
N VAL B 67 14.84 -5.07 15.56
CA VAL B 67 14.45 -5.80 14.36
C VAL B 67 14.47 -7.29 14.71
N GLY B 68 13.88 -8.10 13.82
CA GLY B 68 13.93 -9.54 13.98
C GLY B 68 15.04 -10.18 13.17
N VAL B 69 15.18 -11.49 13.36
CA VAL B 69 16.25 -12.27 12.72
C VAL B 69 16.17 -12.16 11.21
N LYS B 70 14.96 -12.30 10.66
CA LYS B 70 14.79 -12.25 9.21
C LYS B 70 15.39 -10.99 8.65
N THR B 71 15.18 -9.85 9.32
CA THR B 71 15.74 -8.60 8.85
C THR B 71 17.25 -8.62 8.91
N VAL B 72 17.82 -9.17 9.97
CA VAL B 72 19.28 -9.23 10.07
C VAL B 72 19.85 -10.11 8.97
N LEU B 73 19.27 -11.30 8.79
CA LEU B 73 19.73 -12.21 7.74
C LEU B 73 19.59 -11.61 6.35
N ALA B 74 18.55 -10.81 6.10
CA ALA B 74 18.36 -10.31 4.74
C ALA B 74 19.20 -9.06 4.47
N ASP B 75 19.36 -8.19 5.46
CA ASP B 75 19.92 -6.87 5.22
C ASP B 75 21.31 -6.67 5.80
N ASP B 76 21.73 -7.51 6.73
CA ASP B 76 22.96 -7.31 7.52
C ASP B 76 23.04 -5.85 7.94
N PRO B 77 22.02 -5.32 8.61
CA PRO B 77 21.96 -3.88 8.88
C PRO B 77 22.91 -3.48 10.00
N GLY B 78 23.42 -2.25 9.90
CA GLY B 78 24.24 -1.73 10.98
C GLY B 78 23.45 -1.42 12.25
N LEU B 79 22.25 -0.86 12.11
CA LEU B 79 21.40 -0.51 13.25
C LEU B 79 22.03 0.54 14.18
N ASN B 80 22.83 1.44 13.64
CA ASN B 80 23.30 2.58 14.42
C ASN B 80 22.63 3.84 13.88
N CYS B 81 22.96 5.01 14.45
CA CYS B 81 22.35 6.27 14.03
C CYS B 81 23.42 7.16 13.39
N LYS B 82 23.18 7.56 12.15
CA LYS B 82 24.21 8.33 11.42
C LYS B 82 24.34 9.77 11.89
N LEU B 83 23.42 10.26 12.74
CA LEU B 83 23.63 11.53 13.42
C LEU B 83 24.61 11.42 14.58
N GLY B 84 25.08 10.21 14.89
CA GLY B 84 26.08 10.03 15.92
C GLY B 84 25.54 9.84 17.31
N THR B 85 24.22 9.80 17.49
CA THR B 85 23.73 9.52 18.81
C THR B 85 23.80 8.02 19.08
N PRO B 86 24.12 7.61 20.31
CA PRO B 86 24.10 6.18 20.63
C PRO B 86 22.67 5.65 20.58
N ILE B 87 22.49 4.49 19.95
CA ILE B 87 21.21 3.79 19.96
C ILE B 87 21.49 2.30 20.19
N ARG B 88 20.71 1.66 21.06
CA ARG B 88 20.97 0.25 21.40
C ARG B 88 20.29 -0.69 20.40
N PRO B 89 21.04 -1.51 19.64
CA PRO B 89 20.37 -2.49 18.76
C PRO B 89 19.76 -3.61 19.58
N ILE B 90 18.52 -3.98 19.22
CA ILE B 90 17.78 -5.06 19.87
C ILE B 90 17.39 -6.04 18.77
N ILE B 91 17.83 -7.29 18.89
CA ILE B 91 17.49 -8.29 17.90
C ILE B 91 16.56 -9.31 18.54
N LEU B 92 15.37 -9.45 17.99
CA LEU B 92 14.43 -10.47 18.42
C LEU B 92 14.79 -11.78 17.70
N ASP B 93 15.39 -12.72 18.44
CA ASP B 93 15.92 -13.98 17.89
C ASP B 93 15.54 -15.11 18.85
N PRO B 94 14.26 -15.53 18.83
CA PRO B 94 13.75 -16.42 19.91
C PRO B 94 14.56 -17.69 20.13
N THR B 95 15.04 -18.33 19.07
CA THR B 95 15.85 -19.53 19.17
C THR B 95 17.34 -19.25 18.91
N PHE B 96 17.75 -17.98 18.86
CA PHE B 96 19.13 -17.59 18.60
C PHE B 96 19.69 -18.26 17.32
N GLN B 97 18.93 -18.14 16.23
CA GLN B 97 19.41 -18.58 14.92
C GLN B 97 20.69 -17.87 14.48
N LEU B 98 20.97 -16.67 14.99
CA LEU B 98 22.14 -15.93 14.53
C LEU B 98 23.44 -16.45 15.17
N LEU B 99 23.35 -17.45 16.03
CA LEU B 99 24.49 -17.97 16.78
C LEU B 99 25.71 -18.18 15.87
N SER B 100 25.56 -18.90 14.78
CA SER B 100 26.72 -19.26 13.96
C SER B 100 27.23 -18.10 13.08
N LYS B 101 26.56 -16.96 13.09
CA LYS B 101 26.90 -15.82 12.24
C LYS B 101 27.44 -14.63 13.01
N ILE B 102 27.57 -14.74 14.33
CA ILE B 102 27.80 -13.56 15.18
C ILE B 102 29.01 -12.77 14.70
N ALA B 103 30.15 -13.44 14.54
CA ALA B 103 31.37 -12.72 14.14
C ALA B 103 31.22 -11.98 12.83
N SER B 104 30.30 -12.42 11.97
CA SER B 104 30.11 -11.87 10.65
C SER B 104 29.16 -10.69 10.59
N LEU B 105 28.41 -10.40 11.64
CA LEU B 105 27.35 -9.43 11.47
C LEU B 105 27.92 -8.02 11.52
N LYS B 106 27.38 -7.14 10.67
CA LYS B 106 27.82 -5.77 10.69
C LYS B 106 27.53 -5.12 12.05
N LEU B 107 26.35 -5.40 12.62
CA LEU B 107 25.98 -4.81 13.90
C LEU B 107 26.94 -5.23 15.02
N ILE B 108 27.51 -6.42 14.93
CA ILE B 108 28.55 -6.84 15.88
C ILE B 108 29.86 -6.07 15.61
N LYS B 109 30.24 -5.95 14.35
CA LYS B 109 31.43 -5.18 13.97
C LYS B 109 31.37 -3.78 14.55
N LEU B 110 30.23 -3.11 14.38
CA LEU B 110 30.06 -1.76 14.89
C LEU B 110 30.12 -1.73 16.41
N GLY B 111 29.55 -2.74 17.07
CA GLY B 111 29.65 -2.79 18.52
C GLY B 111 31.09 -2.87 18.99
N LEU B 112 31.92 -3.64 18.28
CA LEU B 112 33.34 -3.75 18.60
C LEU B 112 34.16 -2.52 18.19
N SER B 113 33.83 -1.86 17.08
CA SER B 113 34.61 -0.71 16.65
C SER B 113 34.21 0.56 17.34
N GLY B 114 33.11 0.57 18.09
CA GLY B 114 32.65 1.78 18.74
C GLY B 114 31.76 2.66 17.89
N GLU B 115 31.58 2.35 16.61
CA GLU B 115 30.56 3.07 15.85
C GLU B 115 29.15 2.76 16.30
N GLY B 116 28.94 1.63 16.97
CA GLY B 116 27.63 1.24 17.44
C GLY B 116 27.68 0.86 18.91
N GLU B 117 26.56 0.56 19.42
CA GLU B 117 26.47 0.04 20.77
C GLU B 117 26.43 -1.48 20.74
N PRO B 118 26.88 -2.14 21.80
CA PRO B 118 26.78 -3.60 21.86
C PRO B 118 25.33 -4.02 21.78
N PRO B 119 25.01 -5.05 21.01
CA PRO B 119 23.61 -5.41 20.80
C PRO B 119 23.05 -6.25 21.95
N VAL B 120 21.73 -6.26 21.97
CA VAL B 120 20.93 -7.12 22.83
C VAL B 120 20.24 -8.12 21.92
N PHE B 121 20.27 -9.40 22.28
CA PHE B 121 19.48 -10.41 21.59
C PHE B 121 18.42 -10.87 22.56
N ILE B 122 17.18 -10.94 22.08
CA ILE B 122 16.06 -11.41 22.89
C ILE B 122 15.74 -12.84 22.46
N THR B 123 15.86 -13.78 23.39
CA THR B 123 15.67 -15.19 23.08
C THR B 123 14.72 -15.79 24.11
N ARG B 124 14.26 -17.00 23.82
CA ARG B 124 13.59 -17.76 24.88
C ARG B 124 14.59 -18.04 25.99
N LYS B 125 14.07 -18.21 27.21
CA LYS B 125 14.95 -18.46 28.35
C LYS B 125 15.66 -19.81 28.19
N GLY B 126 16.96 -19.82 28.48
CA GLY B 126 17.73 -21.04 28.39
C GLY B 126 18.21 -21.43 27.01
N VAL B 127 17.94 -20.60 25.99
CA VAL B 127 18.39 -20.94 24.63
C VAL B 127 19.91 -20.83 24.54
N VAL B 128 20.48 -19.79 25.15
CA VAL B 128 21.91 -19.54 25.15
C VAL B 128 22.45 -19.98 26.49
N SER B 129 23.35 -20.97 26.47
CA SER B 129 23.90 -21.52 27.71
C SER B 129 24.62 -20.44 28.51
N PRO B 130 24.73 -20.62 29.82
CA PRO B 130 25.48 -19.63 30.63
C PRO B 130 26.93 -19.49 30.19
N ASP B 131 27.55 -20.58 29.71
CA ASP B 131 28.89 -20.50 29.16
C ASP B 131 28.93 -19.62 27.92
N LEU B 132 28.01 -19.86 27.00
CA LEU B 132 28.03 -19.06 25.79
C LEU B 132 27.71 -17.59 26.10
N GLN B 133 26.74 -17.34 26.98
CA GLN B 133 26.43 -15.95 27.34
C GLN B 133 27.65 -15.23 27.89
N ALA B 134 28.41 -15.90 28.76
CA ALA B 134 29.57 -15.24 29.38
C ALA B 134 30.61 -14.91 28.33
N ASN B 135 30.86 -15.85 27.40
CA ASN B 135 31.83 -15.57 26.35
C ASN B 135 31.33 -14.51 25.38
N LEU B 136 30.04 -14.54 25.02
CA LEU B 136 29.53 -13.52 24.10
C LEU B 136 29.62 -12.12 24.72
N ARG B 137 29.35 -12.01 26.03
CA ARG B 137 29.52 -10.72 26.70
C ARG B 137 30.99 -10.28 26.69
N SER B 138 31.91 -11.19 27.00
CA SER B 138 33.32 -10.81 27.09
C SER B 138 33.90 -10.52 25.72
N ASP B 139 33.55 -11.31 24.70
CA ASP B 139 34.17 -11.16 23.39
C ASP B 139 33.48 -10.14 22.49
N TYR B 140 32.17 -9.96 22.63
CA TYR B 140 31.42 -9.10 21.71
C TYR B 140 30.60 -8.03 22.41
N GLY B 141 30.60 -7.96 23.74
CA GLY B 141 29.74 -7.01 24.43
C GLY B 141 28.26 -7.36 24.42
N ILE B 142 27.89 -8.56 23.98
CA ILE B 142 26.49 -8.93 23.78
C ILE B 142 25.82 -9.24 25.10
N SER B 143 24.57 -8.79 25.23
CA SER B 143 23.70 -9.24 26.31
C SER B 143 22.53 -10.02 25.71
N ILE B 144 22.18 -11.11 26.36
CA ILE B 144 20.98 -11.88 26.04
C ILE B 144 19.88 -11.46 27.03
N VAL B 145 18.76 -10.98 26.51
CA VAL B 145 17.56 -10.76 27.32
C VAL B 145 16.67 -11.97 27.09
N GLU B 146 16.21 -12.58 28.18
CA GLU B 146 15.47 -13.84 28.09
C GLU B 146 14.01 -13.63 28.43
N ILE B 147 13.12 -14.22 27.63
CA ILE B 147 11.67 -14.18 27.88
C ILE B 147 11.27 -15.48 28.58
N ALA B 148 10.67 -15.36 29.75
CA ALA B 148 10.25 -16.51 30.54
C ALA B 148 9.16 -17.32 29.83
N ASP B 149 9.08 -18.60 30.19
CA ASP B 149 7.98 -19.44 29.72
C ASP B 149 6.62 -18.82 30.03
N ARG B 150 6.44 -18.27 31.23
CA ARG B 150 5.15 -17.69 31.61
C ARG B 150 4.73 -16.52 30.72
N ASP B 151 5.64 -16.00 29.89
CA ASP B 151 5.35 -14.90 28.97
C ASP B 151 5.39 -15.34 27.50
N VAL B 152 5.38 -16.64 27.24
CA VAL B 152 5.18 -17.18 25.89
C VAL B 152 3.78 -17.78 25.83
N HIS B 153 2.93 -17.21 24.97
CA HIS B 153 1.56 -17.66 24.78
C HIS B 153 1.29 -17.92 23.31
N ARG B 154 0.54 -18.99 23.02
CA ARG B 154 0.27 -19.44 21.65
C ARG B 154 1.58 -19.68 20.90
N GLY B 155 2.64 -20.02 21.63
CA GLY B 155 3.96 -20.18 21.05
C GLY B 155 4.68 -18.89 20.73
N LYS B 156 4.04 -17.74 20.91
CA LYS B 156 4.63 -16.45 20.56
C LYS B 156 4.95 -15.66 21.82
N MET B 157 6.15 -15.07 21.85
CA MET B 157 6.53 -14.22 22.96
C MET B 157 5.56 -13.04 23.09
N SER B 158 5.28 -12.66 24.33
CA SER B 158 4.40 -11.55 24.59
C SER B 158 5.14 -10.23 24.33
N TRP B 159 4.61 -9.42 23.41
CA TRP B 159 5.20 -8.11 23.14
C TRP B 159 5.19 -7.24 24.39
N PHE B 160 4.13 -7.32 25.19
CA PHE B 160 4.09 -6.57 26.43
C PHE B 160 5.24 -6.96 27.34
N ALA B 161 5.51 -8.28 27.44
CA ALA B 161 6.59 -8.74 28.31
C ALA B 161 7.94 -8.28 27.77
N ILE B 162 8.16 -8.42 26.46
CA ILE B 162 9.40 -7.93 25.85
C ILE B 162 9.58 -6.45 26.16
N LEU B 163 8.56 -5.63 25.89
CA LEU B 163 8.71 -4.19 26.05
C LEU B 163 8.86 -3.81 27.51
N LYS B 164 8.25 -4.56 28.42
CA LYS B 164 8.40 -4.31 29.86
C LYS B 164 9.86 -4.48 30.27
N ILE B 165 10.47 -5.60 29.87
CA ILE B 165 11.88 -5.85 30.21
C ILE B 165 12.76 -4.73 29.67
N LEU B 166 12.41 -4.17 28.51
CA LEU B 166 13.25 -3.11 27.95
C LEU B 166 13.10 -1.83 28.75
N LYS B 167 11.86 -1.50 29.14
CA LYS B 167 11.66 -0.35 30.01
C LYS B 167 12.36 -0.57 31.35
N ASP B 168 12.31 -1.80 31.87
CA ASP B 168 13.00 -2.11 33.12
C ASP B 168 14.50 -1.91 32.98
N ALA B 169 15.06 -2.15 31.79
CA ALA B 169 16.47 -1.90 31.53
C ALA B 169 16.76 -0.45 31.16
N GLU B 170 15.79 0.45 31.36
CA GLU B 170 15.94 1.89 31.18
C GLU B 170 16.02 2.30 29.71
N ILE B 171 15.45 1.46 28.85
CA ILE B 171 15.20 1.83 27.46
C ILE B 171 13.80 2.45 27.45
N HIS B 172 13.75 3.76 27.27
CA HIS B 172 12.50 4.50 27.38
C HIS B 172 11.80 4.71 26.04
N SER B 173 12.48 4.43 24.94
CA SER B 173 11.87 4.54 23.62
C SER B 173 12.55 3.53 22.71
N VAL B 174 11.75 2.88 21.87
CA VAL B 174 12.28 1.86 21.00
C VAL B 174 11.61 2.00 19.64
N MET B 175 12.42 1.98 18.60
CA MET B 175 12.01 2.13 17.22
C MET B 175 12.04 0.74 16.60
N VAL B 176 10.87 0.21 16.26
CA VAL B 176 10.74 -1.12 15.70
C VAL B 176 10.67 -0.98 14.20
N GLU B 177 11.73 -1.41 13.50
CA GLU B 177 11.83 -1.14 12.06
C GLU B 177 11.48 -2.32 11.20
N GLY B 178 11.29 -3.48 11.79
CA GLY B 178 10.44 -4.41 11.08
C GLY B 178 10.86 -5.85 11.00
N GLY B 179 10.60 -6.40 9.82
CA GLY B 179 10.22 -7.77 9.63
C GLY B 179 8.71 -7.70 9.42
N ALA B 180 8.23 -8.27 8.32
CA ALA B 180 6.81 -8.29 8.07
C ALA B 180 6.03 -8.90 9.22
N THR B 181 6.51 -10.03 9.78
CA THR B 181 5.77 -10.66 10.87
C THR B 181 5.68 -9.76 12.10
N ILE B 182 6.79 -9.11 12.45
CA ILE B 182 6.80 -8.18 13.58
C ILE B 182 5.86 -7.02 13.33
N ILE B 183 5.89 -6.45 12.12
CA ILE B 183 4.98 -5.35 11.79
C ILE B 183 3.53 -5.83 11.89
N ASN B 184 3.22 -6.97 11.25
CA ASN B 184 1.85 -7.46 11.26
C ASN B 184 1.35 -7.69 12.68
N ASP B 185 2.19 -8.28 13.54
CA ASP B 185 1.78 -8.57 14.91
C ASP B 185 1.56 -7.29 15.71
N LEU B 186 2.51 -6.36 15.64
CA LEU B 186 2.35 -5.14 16.42
C LEU B 186 1.20 -4.28 15.91
N LEU B 187 0.82 -4.40 14.63
CA LEU B 187 -0.31 -3.59 14.15
C LEU B 187 -1.59 -3.94 14.87
N ILE B 188 -1.73 -5.19 15.32
CA ILE B 188 -2.93 -5.65 16.02
C ILE B 188 -2.72 -5.92 17.50
N CYS B 189 -1.49 -5.84 18.00
CA CYS B 189 -1.28 -6.18 19.41
C CYS B 189 -1.90 -5.12 20.31
N ARG B 190 -2.78 -5.55 21.22
CA ARG B 190 -3.41 -4.62 22.17
C ARG B 190 -3.32 -5.19 23.57
N GLN B 191 -3.21 -4.28 24.53
CA GLN B 191 -3.21 -4.63 25.94
C GLN B 191 -4.43 -3.94 26.54
N ASN B 192 -5.50 -4.72 26.71
CA ASN B 192 -6.77 -4.19 27.21
C ASN B 192 -7.24 -3.01 26.37
N SER B 193 -7.35 -3.27 25.06
CA SER B 193 -7.72 -2.34 24.00
C SER B 193 -6.61 -1.34 23.65
N VAL B 194 -5.53 -1.23 24.42
CA VAL B 194 -4.61 -0.13 24.18
C VAL B 194 -3.49 -0.63 23.27
N PRO B 195 -3.21 0.06 22.16
CA PRO B 195 -2.09 -0.36 21.31
C PRO B 195 -0.76 -0.21 22.03
N LEU B 196 0.14 -1.17 21.84
CA LEU B 196 1.49 -1.00 22.39
C LEU B 196 2.31 -0.02 21.58
N VAL B 197 2.04 0.07 20.28
CA VAL B 197 2.67 1.07 19.41
C VAL B 197 2.17 2.46 19.74
N ALA B 198 3.09 3.39 19.96
CA ALA B 198 2.69 4.79 20.16
C ALA B 198 2.61 5.56 18.83
N SER B 199 3.61 5.41 17.96
CA SER B 199 3.71 6.14 16.71
C SER B 199 3.91 5.16 15.57
N LEU B 200 3.09 5.30 14.54
CA LEU B 200 3.21 4.54 13.31
C LEU B 200 3.68 5.51 12.24
N ILE B 201 4.83 5.23 11.63
CA ILE B 201 5.42 6.15 10.64
C ILE B 201 5.83 5.31 9.43
N ILE B 202 5.20 5.55 8.29
CA ILE B 202 5.35 4.69 7.11
C ILE B 202 5.81 5.54 5.94
N THR B 203 6.95 5.20 5.37
CA THR B 203 7.35 5.72 4.06
C THR B 203 6.65 4.92 2.94
N VAL B 204 6.08 5.64 1.96
CA VAL B 204 5.50 4.99 0.78
C VAL B 204 6.35 5.37 -0.41
N GLY B 205 6.98 4.37 -1.01
CA GLY B 205 7.77 4.59 -2.20
C GLY B 205 6.92 4.33 -3.42
N PRO B 206 7.08 5.19 -4.45
CA PRO B 206 6.26 5.11 -5.68
C PRO B 206 6.76 4.03 -6.62
N VAL B 207 6.51 2.77 -6.22
CA VAL B 207 6.96 1.61 -6.99
C VAL B 207 6.03 0.45 -6.66
N TYR B 208 5.96 -0.52 -7.55
CA TYR B 208 5.33 -1.80 -7.25
C TYR B 208 6.40 -2.87 -7.18
N LEU B 209 6.30 -3.76 -6.19
CA LEU B 209 7.22 -4.89 -6.12
C LEU B 209 6.58 -6.18 -6.57
N GLY B 210 5.25 -6.23 -6.66
CA GLY B 210 4.57 -7.40 -7.18
C GLY B 210 4.31 -8.47 -6.13
N LYS B 211 3.64 -9.54 -6.60
CA LYS B 211 3.05 -10.54 -5.70
C LYS B 211 4.07 -11.45 -5.05
N ASP B 212 5.32 -11.47 -5.50
CA ASP B 212 6.33 -12.30 -4.89
C ASP B 212 7.23 -11.53 -3.93
N GLY B 213 6.97 -10.24 -3.70
CA GLY B 213 7.70 -9.49 -2.71
C GLY B 213 7.22 -9.80 -1.31
N VAL B 214 7.83 -9.15 -0.32
CA VAL B 214 7.54 -9.48 1.07
C VAL B 214 6.41 -8.57 1.54
N GLU B 215 5.23 -9.15 1.75
CA GLU B 215 4.01 -8.40 1.96
C GLU B 215 3.79 -8.07 3.43
N VAL B 216 3.33 -6.85 3.70
CA VAL B 216 2.77 -6.48 5.00
C VAL B 216 1.27 -6.36 4.83
N THR B 217 0.50 -7.08 5.67
CA THR B 217 -0.94 -6.82 5.83
C THR B 217 -1.36 -7.48 7.15
N PRO B 218 -2.05 -6.76 8.03
CA PRO B 218 -2.43 -7.33 9.32
C PRO B 218 -3.56 -8.36 9.16
N ALA B 219 -3.79 -9.13 10.22
CA ALA B 219 -4.76 -10.21 10.14
C ALA B 219 -6.20 -9.70 10.10
N ARG B 220 -6.41 -8.46 10.52
CA ARG B 220 -7.71 -7.82 10.48
C ARG B 220 -7.47 -6.34 10.20
N SER B 221 -8.56 -5.62 9.94
CA SER B 221 -8.46 -4.20 9.62
C SER B 221 -8.01 -3.42 10.85
N VAL B 222 -7.23 -2.36 10.62
CA VAL B 222 -6.68 -1.56 11.69
C VAL B 222 -6.92 -0.08 11.38
N LYS B 223 -7.51 0.64 12.33
CA LYS B 223 -7.84 2.04 12.16
C LYS B 223 -6.73 2.90 12.77
N LEU B 224 -6.53 4.06 12.20
CA LEU B 224 -5.50 4.98 12.65
C LEU B 224 -6.14 6.29 13.09
N GLY B 225 -5.53 6.95 14.08
CA GLY B 225 -5.90 8.30 14.46
C GLY B 225 -4.71 9.24 14.29
N ASN B 226 -4.98 10.54 14.49
CA ASN B 226 -3.95 11.58 14.43
C ASN B 226 -3.17 11.54 13.11
N VAL B 227 -3.83 11.12 12.04
CA VAL B 227 -3.16 10.99 10.75
C VAL B 227 -2.63 12.33 10.28
N ARG B 228 -1.34 12.35 9.93
CA ARG B 228 -0.62 13.48 9.34
C ARG B 228 0.14 12.95 8.14
N TRP B 229 0.05 13.62 6.98
CA TRP B 229 0.83 13.23 5.81
C TRP B 229 1.95 14.22 5.56
N TRP B 230 3.01 13.71 4.94
CA TRP B 230 4.14 14.48 4.47
C TRP B 230 4.55 13.90 3.12
N HIS B 231 5.17 14.72 2.29
CA HIS B 231 5.77 14.20 1.08
C HIS B 231 6.92 15.10 0.68
N GLY B 232 7.94 14.48 0.09
CA GLY B 232 9.07 15.24 -0.39
C GLY B 232 9.02 15.24 -1.89
N ILE B 233 10.17 15.21 -2.55
CA ILE B 233 10.18 15.21 -4.00
C ILE B 233 9.89 13.83 -4.58
N GLN B 234 10.04 12.79 -3.80
CA GLN B 234 9.92 11.45 -4.35
C GLN B 234 9.06 10.51 -3.52
N ASP B 235 9.10 10.62 -2.19
CA ASP B 235 8.35 9.71 -1.33
C ASP B 235 7.32 10.48 -0.52
N ALA B 236 6.32 9.75 -0.05
CA ALA B 236 5.37 10.22 0.93
C ALA B 236 5.61 9.49 2.25
N VAL B 237 5.19 10.12 3.34
CA VAL B 237 5.25 9.54 4.67
C VAL B 237 3.92 9.82 5.36
N VAL B 238 3.35 8.81 5.99
CA VAL B 238 2.21 8.98 6.87
C VAL B 238 2.66 8.71 8.30
N ALA B 239 2.25 9.58 9.22
CA ALA B 239 2.47 9.38 10.65
C ALA B 239 1.10 9.32 11.32
N ALA B 240 0.96 8.43 12.28
CA ALA B 240 -0.34 8.22 12.89
C ALA B 240 -0.17 7.54 14.24
N SER B 241 -1.26 7.48 14.99
CA SER B 241 -1.38 6.55 16.09
C SER B 241 -2.39 5.47 15.72
N LEU B 242 -2.38 4.39 16.49
CA LEU B 242 -3.34 3.31 16.30
C LEU B 242 -4.58 3.61 17.14
N GLU B 243 -5.75 3.44 16.54
CA GLU B 243 -6.99 3.78 17.22
C GLU B 243 -7.26 2.82 18.38
N LEU B 244 -7.80 3.36 19.47
CA LEU B 244 -8.17 2.55 20.63
C LEU B 244 -9.38 1.68 20.32
#